data_6TJ4
#
_entry.id   6TJ4
#
_cell.length_a   30.237
_cell.length_b   57.510
_cell.length_c   86.338
_cell.angle_alpha   90.000
_cell.angle_beta   90.000
_cell.angle_gamma   90.000
#
_symmetry.space_group_name_H-M   'P 21 21 21'
#
loop_
_entity.id
_entity.type
_entity.pdbx_description
1 polymer PfELC
2 water water
#
_entity_poly.entity_id   1
_entity_poly.type   'polypeptide(L)'
_entity_poly.pdbx_seq_one_letter_code
;SMASDMEEKFREAFILFSSCSDHIEMYKFFELMNSFGIILTNDEKAALPNDINMDYWLNFAKKHYNYEQPFKHIN
;
_entity_poly.pdbx_strand_id   A,B
#
# COMPACT_ATOMS: atom_id res chain seq x y z
N MET A 2 13.25 4.08 13.78
CA MET A 2 12.29 4.19 14.87
C MET A 2 10.96 4.71 14.34
N ALA A 3 9.91 4.60 15.17
CA ALA A 3 8.61 5.16 14.85
C ALA A 3 8.64 6.70 14.84
N SER A 4 9.36 7.30 15.77
CA SER A 4 9.51 8.76 15.75
C SER A 4 10.25 9.23 14.50
N ASP A 5 11.33 8.52 14.13
CA ASP A 5 12.03 8.79 12.88
C ASP A 5 11.06 8.79 11.70
N MET A 6 10.23 7.75 11.63
CA MET A 6 9.25 7.65 10.56
C MET A 6 8.22 8.79 10.64
N GLU A 7 7.79 9.19 11.85
CA GLU A 7 6.81 10.27 11.91
C GLU A 7 7.38 11.56 11.35
N GLU A 8 8.66 11.84 11.60
CA GLU A 8 9.28 13.02 11.00
C GLU A 8 9.37 12.90 9.47
N LYS A 9 9.73 11.72 8.96
CA LYS A 9 9.66 11.52 7.51
C LYS A 9 8.24 11.73 6.97
N PHE A 10 7.21 11.24 7.70
CA PHE A 10 5.83 11.43 7.25
C PHE A 10 5.50 12.92 7.18
N ARG A 11 5.91 13.69 8.20
CA ARG A 11 5.61 15.11 8.25
C ARG A 11 6.27 15.84 7.09
N GLU A 12 7.57 15.62 6.92
CA GLU A 12 8.26 16.35 5.85
C GLU A 12 7.66 16.01 4.50
N ALA A 13 7.28 14.73 4.31
CA ALA A 13 6.70 14.34 3.04
C ALA A 13 5.38 15.03 2.79
N PHE A 14 4.57 15.21 3.85
CA PHE A 14 3.31 15.92 3.65
C PHE A 14 3.59 17.34 3.21
N ILE A 15 4.57 17.99 3.83
CA ILE A 15 4.88 19.35 3.44
C ILE A 15 5.28 19.40 1.97
N LEU A 16 6.12 18.46 1.56
CA LEU A 16 6.55 18.40 0.16
C LEU A 16 5.40 18.14 -0.80
N PHE A 17 4.60 17.09 -0.53
CA PHE A 17 3.58 16.71 -1.51
C PHE A 17 2.41 17.69 -1.50
N SER A 18 2.21 18.43 -0.42
CA SER A 18 1.12 19.39 -0.36
C SER A 18 1.55 20.77 -0.81
N SER A 19 2.82 20.91 -1.20
CA SER A 19 3.41 22.22 -1.51
C SER A 19 3.16 23.23 -0.38
N CYS A 20 3.43 22.78 0.85
CA CYS A 20 3.43 23.66 2.02
C CYS A 20 2.03 24.20 2.34
N SER A 21 1.01 23.33 2.27
CA SER A 21 -0.38 23.74 2.44
CA SER A 21 -0.36 23.76 2.47
C SER A 21 -1.01 22.98 3.62
N ASP A 22 -2.12 23.52 4.12
CA ASP A 22 -2.82 22.87 5.22
CA ASP A 22 -2.82 22.87 5.22
C ASP A 22 -3.52 21.61 4.77
N HIS A 23 -3.94 21.57 3.50
CA HIS A 23 -4.67 20.43 2.96
C HIS A 23 -3.99 19.98 1.69
N ILE A 24 -4.03 18.69 1.46
CA ILE A 24 -3.39 18.07 0.31
C ILE A 24 -4.45 17.64 -0.69
N GLU A 25 -4.20 17.90 -1.97
CA GLU A 25 -5.13 17.46 -2.99
C GLU A 25 -5.16 15.92 -3.04
N MET A 26 -6.34 15.39 -3.38
CA MET A 26 -6.50 13.95 -3.31
C MET A 26 -5.48 13.20 -4.15
N TYR A 27 -5.22 13.67 -5.39
CA TYR A 27 -4.31 12.88 -6.23
C TYR A 27 -2.86 12.97 -5.74
N LYS A 28 -2.54 14.06 -5.07
CA LYS A 28 -1.22 14.15 -4.43
C LYS A 28 -1.17 13.31 -3.17
N PHE A 29 -2.30 13.16 -2.45
CA PHE A 29 -2.32 12.21 -1.35
C PHE A 29 -2.02 10.80 -1.82
N PHE A 30 -2.53 10.41 -3.00
CA PHE A 30 -2.22 9.07 -3.49
C PHE A 30 -0.72 8.93 -3.74
N GLU A 31 -0.10 9.97 -4.32
CA GLU A 31 1.35 9.92 -4.50
C GLU A 31 2.09 9.82 -3.17
N LEU A 32 1.65 10.62 -2.19
CA LEU A 32 2.27 10.61 -0.86
C LEU A 32 2.17 9.24 -0.22
N MET A 33 0.99 8.63 -0.17
CA MET A 33 0.90 7.32 0.48
C MET A 33 1.70 6.25 -0.27
N ASN A 34 1.66 6.28 -1.60
CA ASN A 34 2.39 5.29 -2.37
C ASN A 34 3.89 5.46 -2.16
N SER A 35 4.37 6.68 -1.90
CA SER A 35 5.81 6.87 -1.67
C SER A 35 6.28 6.18 -0.40
N PHE A 36 5.37 5.80 0.49
CA PHE A 36 5.65 5.05 1.71
C PHE A 36 5.17 3.62 1.64
N GLY A 37 4.82 3.16 0.44
CA GLY A 37 4.49 1.76 0.27
C GLY A 37 3.07 1.42 0.59
N ILE A 38 2.23 2.43 0.84
CA ILE A 38 0.85 2.22 1.21
C ILE A 38 0.02 2.19 -0.05
N ILE A 39 -0.70 1.08 -0.24
CA ILE A 39 -1.53 0.86 -1.42
C ILE A 39 -2.94 0.64 -0.89
N LEU A 40 -3.86 1.53 -1.24
CA LEU A 40 -5.24 1.34 -0.85
C LEU A 40 -6.05 0.67 -1.92
N THR A 41 -7.12 -0.03 -1.50
CA THR A 41 -8.07 -0.55 -2.48
C THR A 41 -8.89 0.61 -3.02
N ASN A 42 -9.52 0.39 -4.16
CA ASN A 42 -10.33 1.45 -4.75
C ASN A 42 -11.36 2.02 -3.76
N ASP A 43 -12.09 1.15 -3.08
CA ASP A 43 -13.14 1.69 -2.24
C ASP A 43 -12.60 2.30 -0.97
N GLU A 44 -11.39 1.91 -0.54
CA GLU A 44 -10.73 2.68 0.53
C GLU A 44 -10.46 4.12 0.07
N LYS A 45 -9.97 4.27 -1.16
CA LYS A 45 -9.73 5.60 -1.73
CA LYS A 45 -9.73 5.62 -1.65
C LYS A 45 -11.02 6.39 -1.77
N ALA A 46 -12.12 5.74 -2.20
CA ALA A 46 -13.40 6.43 -2.32
C ALA A 46 -13.97 6.89 -0.95
N ALA A 47 -13.56 6.25 0.13
CA ALA A 47 -14.03 6.59 1.46
C ALA A 47 -13.21 7.68 2.14
N LEU A 48 -12.11 8.12 1.52
CA LEU A 48 -11.31 9.21 2.10
C LEU A 48 -12.14 10.50 2.14
N PRO A 49 -12.00 11.30 3.18
CA PRO A 49 -12.73 12.56 3.22
C PRO A 49 -12.12 13.53 2.23
N ASN A 50 -12.94 14.53 1.86
CA ASN A 50 -12.47 15.51 0.86
C ASN A 50 -11.30 16.34 1.39
N ASP A 51 -11.32 16.68 2.68
CA ASP A 51 -10.32 17.57 3.28
C ASP A 51 -9.33 16.73 4.09
N ILE A 52 -8.07 16.71 3.66
CA ILE A 52 -7.04 15.87 4.28
C ILE A 52 -5.94 16.78 4.78
N ASN A 53 -5.79 16.86 6.10
CA ASN A 53 -4.76 17.69 6.71
C ASN A 53 -3.60 16.81 7.21
N MET A 54 -2.61 17.47 7.79
CA MET A 54 -1.43 16.76 8.27
C MET A 54 -1.79 15.72 9.31
N ASP A 55 -2.64 16.07 10.28
CA ASP A 55 -2.99 15.12 11.33
C ASP A 55 -3.72 13.90 10.77
N TYR A 56 -4.58 14.11 9.76
CA TYR A 56 -5.22 12.97 9.12
C TYR A 56 -4.17 12.05 8.52
N TRP A 57 -3.23 12.65 7.79
CA TRP A 57 -2.21 11.85 7.13
C TRP A 57 -1.33 11.16 8.16
N LEU A 58 -0.97 11.83 9.25
CA LEU A 58 -0.14 11.16 10.25
C LEU A 58 -0.85 9.96 10.88
N ASN A 59 -2.13 10.09 11.18
CA ASN A 59 -2.86 8.97 11.76
C ASN A 59 -3.00 7.84 10.73
N PHE A 60 -3.26 8.21 9.47
CA PHE A 60 -3.37 7.26 8.38
C PHE A 60 -2.06 6.52 8.16
N ALA A 61 -0.95 7.23 8.13
CA ALA A 61 0.33 6.61 7.89
C ALA A 61 0.73 5.69 9.02
N LYS A 62 0.48 6.08 10.27
CA LYS A 62 0.79 5.22 11.40
C LYS A 62 -0.04 3.94 11.35
N LYS A 63 -1.25 4.03 10.81
CA LYS A 63 -2.09 2.84 10.67
C LYS A 63 -1.64 1.94 9.52
N HIS A 64 -1.29 2.50 8.36
CA HIS A 64 -1.06 1.68 7.17
C HIS A 64 0.40 1.33 6.89
N TYR A 65 1.36 2.08 7.41
CA TYR A 65 2.75 1.86 7.02
C TYR A 65 3.23 0.50 7.49
N ASN A 66 4.03 -0.15 6.64
CA ASN A 66 4.57 -1.47 6.95
C ASN A 66 5.92 -1.28 7.61
N TYR A 67 5.95 -1.31 8.95
CA TYR A 67 7.22 -1.15 9.66
C TYR A 67 8.13 -2.40 9.57
N GLU A 68 7.69 -3.49 8.94
CA GLU A 68 8.61 -4.60 8.67
C GLU A 68 9.64 -4.19 7.61
N GLN A 69 9.19 -3.55 6.54
CA GLN A 69 10.05 -3.23 5.41
C GLN A 69 10.89 -1.98 5.69
N MET B 6 -10.74 -17.61 2.42
CA MET B 6 -9.86 -17.52 1.25
C MET B 6 -8.39 -17.67 1.64
N GLU B 7 -8.09 -17.65 2.94
CA GLU B 7 -6.70 -17.59 3.38
C GLU B 7 -5.90 -18.77 2.86
N GLU B 8 -6.45 -19.99 2.97
CA GLU B 8 -5.69 -21.14 2.49
C GLU B 8 -5.53 -21.15 0.97
N LYS B 9 -6.54 -20.70 0.22
CA LYS B 9 -6.31 -20.58 -1.21
C LYS B 9 -5.21 -19.59 -1.51
N PHE B 10 -5.19 -18.45 -0.80
CA PHE B 10 -4.11 -17.48 -1.03
C PHE B 10 -2.75 -18.09 -0.69
N ARG B 11 -2.66 -18.77 0.44
CA ARG B 11 -1.40 -19.36 0.87
C ARG B 11 -0.91 -20.41 -0.14
N GLU B 12 -1.80 -21.33 -0.52
CA GLU B 12 -1.42 -22.38 -1.47
C GLU B 12 -0.99 -21.78 -2.79
N ALA B 13 -1.64 -20.69 -3.22
CA ALA B 13 -1.26 -20.08 -4.48
C ALA B 13 0.13 -19.45 -4.39
N PHE B 14 0.43 -18.85 -3.23
CA PHE B 14 1.78 -18.29 -3.08
C PHE B 14 2.83 -19.39 -3.14
N ILE B 15 2.58 -20.52 -2.49
CA ILE B 15 3.53 -21.62 -2.52
C ILE B 15 3.76 -22.09 -3.96
N LEU B 16 2.66 -22.24 -4.72
CA LEU B 16 2.79 -22.70 -6.11
C LEU B 16 3.53 -21.68 -6.98
N PHE B 17 3.11 -20.42 -6.94
CA PHE B 17 3.72 -19.42 -7.84
C PHE B 17 5.12 -19.05 -7.39
N SER B 18 5.47 -19.24 -6.14
CA SER B 18 6.85 -19.00 -5.71
C SER B 18 7.75 -20.22 -5.86
N SER B 19 7.21 -21.35 -6.29
CA SER B 19 7.95 -22.61 -6.27
C SER B 19 8.56 -22.86 -4.89
N CYS B 20 7.74 -22.65 -3.84
CA CYS B 20 8.09 -23.07 -2.49
C CYS B 20 9.24 -22.25 -1.93
N SER B 21 9.28 -20.96 -2.28
CA SER B 21 10.37 -20.10 -1.86
C SER B 21 9.83 -19.09 -0.85
N ASP B 22 10.73 -18.58 0.00
CA ASP B 22 10.32 -17.58 1.00
C ASP B 22 9.91 -16.25 0.36
N HIS B 23 10.52 -15.87 -0.74
CA HIS B 23 10.18 -14.63 -1.42
C HIS B 23 9.75 -14.98 -2.84
N ILE B 24 8.71 -14.32 -3.31
CA ILE B 24 8.22 -14.59 -4.66
C ILE B 24 8.86 -13.58 -5.61
N GLU B 25 9.29 -14.04 -6.77
CA GLU B 25 9.83 -13.09 -7.74
C GLU B 25 8.73 -12.15 -8.21
N MET B 26 9.09 -10.90 -8.47
CA MET B 26 8.08 -9.91 -8.81
C MET B 26 7.20 -10.31 -10.00
N TYR B 27 7.77 -10.87 -11.09
CA TYR B 27 6.89 -11.18 -12.22
C TYR B 27 5.91 -12.31 -11.88
N LYS B 28 6.32 -13.19 -10.98
CA LYS B 28 5.39 -14.24 -10.50
C LYS B 28 4.38 -13.66 -9.54
N PHE B 29 4.77 -12.65 -8.74
CA PHE B 29 3.78 -11.94 -7.93
C PHE B 29 2.70 -11.31 -8.80
N PHE B 30 3.08 -10.74 -9.95
CA PHE B 30 2.07 -10.18 -10.85
C PHE B 30 1.16 -11.27 -11.41
N GLU B 31 1.71 -12.42 -11.78
CA GLU B 31 0.84 -13.53 -12.19
C GLU B 31 -0.10 -13.96 -11.06
N LEU B 32 0.42 -14.04 -9.84
CA LEU B 32 -0.36 -14.46 -8.69
C LEU B 32 -1.53 -13.50 -8.45
N MET B 33 -1.23 -12.20 -8.43
CA MET B 33 -2.29 -11.20 -8.23
C MET B 33 -3.33 -11.33 -9.33
N ASN B 34 -2.84 -11.44 -10.58
CA ASN B 34 -3.68 -11.59 -11.75
C ASN B 34 -4.64 -12.77 -11.57
N SER B 35 -4.12 -13.90 -11.04
CA SER B 35 -4.95 -15.09 -10.88
C SER B 35 -6.08 -14.90 -9.88
N PHE B 36 -5.97 -13.91 -8.99
CA PHE B 36 -7.08 -13.59 -8.08
C PHE B 36 -7.78 -12.31 -8.49
N GLY B 37 -7.56 -11.84 -9.72
CA GLY B 37 -8.26 -10.70 -10.27
C GLY B 37 -7.82 -9.37 -9.72
N ILE B 38 -6.67 -9.32 -9.04
CA ILE B 38 -6.15 -8.09 -8.46
C ILE B 38 -5.21 -7.45 -9.47
N ILE B 39 -5.53 -6.25 -9.93
CA ILE B 39 -4.77 -5.61 -11.02
C ILE B 39 -4.37 -4.22 -10.55
N LEU B 40 -3.08 -3.99 -10.35
CA LEU B 40 -2.55 -2.70 -9.88
C LEU B 40 -2.12 -1.81 -11.03
N THR B 41 -2.20 -0.48 -10.81
CA THR B 41 -1.59 0.45 -11.76
C THR B 41 -0.06 0.50 -11.62
N ASN B 42 0.57 1.18 -12.58
CA ASN B 42 2.02 1.34 -12.52
C ASN B 42 2.45 2.02 -11.23
N ASP B 43 1.70 3.05 -10.80
CA ASP B 43 2.05 3.78 -9.57
C ASP B 43 1.95 2.86 -8.34
N GLU B 44 0.91 2.05 -8.32
CA GLU B 44 0.76 1.07 -7.26
C GLU B 44 1.85 0.00 -7.29
N LYS B 45 2.15 -0.52 -8.48
CA LYS B 45 3.20 -1.55 -8.53
C LYS B 45 4.53 -0.99 -8.04
N ALA B 46 4.79 0.29 -8.33
CA ALA B 46 6.02 0.90 -7.86
C ALA B 46 6.09 1.01 -6.36
N ALA B 47 4.94 0.94 -5.68
CA ALA B 47 4.95 0.98 -4.22
C ALA B 47 5.17 -0.36 -3.56
N LEU B 48 5.23 -1.47 -4.32
CA LEU B 48 5.43 -2.75 -3.68
C LEU B 48 6.90 -2.87 -3.25
N PRO B 49 7.17 -3.66 -2.20
CA PRO B 49 8.55 -3.84 -1.75
C PRO B 49 9.29 -4.73 -2.74
N ASN B 50 10.62 -4.62 -2.71
CA ASN B 50 11.47 -5.44 -3.57
C ASN B 50 11.33 -6.91 -3.22
N ASP B 51 11.17 -7.23 -1.94
CA ASP B 51 11.11 -8.60 -1.46
C ASP B 51 9.74 -8.84 -0.85
N ILE B 52 8.98 -9.78 -1.43
CA ILE B 52 7.61 -10.02 -1.03
C ILE B 52 7.53 -11.42 -0.45
N ASN B 53 7.14 -11.50 0.82
CA ASN B 53 7.03 -12.81 1.49
C ASN B 53 5.56 -13.17 1.67
N MET B 54 5.35 -14.35 2.26
CA MET B 54 3.99 -14.86 2.42
C MET B 54 3.12 -13.90 3.23
N ASP B 55 3.63 -13.39 4.35
CA ASP B 55 2.83 -12.48 5.17
C ASP B 55 2.44 -11.23 4.39
N TYR B 56 3.35 -10.70 3.57
CA TYR B 56 2.97 -9.51 2.80
C TYR B 56 1.82 -9.84 1.86
N TRP B 57 1.94 -10.96 1.14
CA TRP B 57 0.86 -11.34 0.22
C TRP B 57 -0.44 -11.59 0.96
N LEU B 58 -0.41 -12.29 2.09
CA LEU B 58 -1.66 -12.66 2.76
C LEU B 58 -2.41 -11.41 3.19
N ASN B 59 -1.69 -10.45 3.77
CA ASN B 59 -2.30 -9.16 4.13
C ASN B 59 -2.85 -8.46 2.90
N PHE B 60 -2.04 -8.42 1.84
CA PHE B 60 -2.44 -7.73 0.62
C PHE B 60 -3.69 -8.37 0.01
N ALA B 61 -3.66 -9.69 -0.19
CA ALA B 61 -4.78 -10.35 -0.84
C ALA B 61 -6.06 -10.20 -0.03
N LYS B 62 -5.97 -10.32 1.31
CA LYS B 62 -7.18 -10.25 2.14
C LYS B 62 -7.85 -8.91 1.96
N LYS B 63 -7.03 -7.86 1.83
CA LYS B 63 -7.53 -6.50 1.59
C LYS B 63 -8.04 -6.30 0.15
N HIS B 64 -7.27 -6.72 -0.87
CA HIS B 64 -7.59 -6.33 -2.24
C HIS B 64 -8.50 -7.26 -3.01
N TYR B 65 -8.64 -8.53 -2.60
CA TYR B 65 -9.45 -9.45 -3.37
C TYR B 65 -10.91 -8.96 -3.41
N ASN B 66 -11.54 -9.13 -4.56
CA ASN B 66 -12.97 -8.79 -4.71
C ASN B 66 -13.80 -10.00 -4.29
N TYR B 67 -14.40 -9.90 -3.10
CA TYR B 67 -15.07 -11.05 -2.49
C TYR B 67 -16.40 -11.42 -3.12
N GLU B 68 -16.99 -10.58 -3.98
CA GLU B 68 -18.25 -10.94 -4.61
C GLU B 68 -18.18 -10.82 -6.13
#